data_7P88
#
_entry.id   7P88
#
_cell.length_a   39.810
_cell.length_b   103.600
_cell.length_c   42.030
_cell.angle_alpha   90.000
_cell.angle_beta   105.660
_cell.angle_gamma   90.000
#
_symmetry.space_group_name_H-M   'P 1 21 1'
#
loop_
_entity.id
_entity.type
_entity.pdbx_description
1 polymer 'YTH domain-containing protein 1'
2 non-polymer 2-chloranyl-~{N}-methyl-9~{H}-purin-6-amine
3 non-polymer 'SULFATE ION'
4 water water
#
_entity_poly.entity_id   1
_entity_poly.type   'polypeptide(L)'
_entity_poly.pdbx_seq_one_letter_code
;MHHHHHHSSGRENLYFQGTSKLKYVLQDARFFLIKSNNHENVSLAKAKGVWSTLPVNEKKLNLAFRSARSVILIFSVRES
GKFQGFARLSSESHHGGSPIHWVLPAGMSAKMLGGVFKIDWICRRELPFTKSAHLTNPWNEHKPVKIGRDGQEIELECGT
QLCLLFPPDESIDLYQVIHKMRH
;
_entity_poly.pdbx_strand_id   A,B
#
loop_
_chem_comp.id
_chem_comp.type
_chem_comp.name
_chem_comp.formula
OYN non-polymer 2-chloranyl-~{N}-methyl-9~{H}-purin-6-amine 'C6 H6 Cl N5'
SO4 non-polymer 'SULFATE ION' 'O4 S -2'
#
# COMPACT_ATOMS: atom_id res chain seq x y z
N GLY A 18 -2.56 2.94 6.19
CA GLY A 18 -1.27 2.78 6.84
C GLY A 18 -0.10 3.17 5.95
N THR A 19 1.11 3.13 6.51
CA THR A 19 2.30 3.60 5.82
C THR A 19 3.36 2.52 5.61
N SER A 20 3.09 1.28 6.00
CA SER A 20 4.16 0.28 5.95
C SER A 20 4.50 -0.12 4.53
N LYS A 21 3.50 -0.39 3.68
CA LYS A 21 3.82 -0.74 2.31
C LYS A 21 4.47 0.43 1.58
N LEU A 22 4.06 1.66 1.90
CA LEU A 22 4.72 2.83 1.32
C LEU A 22 6.18 2.89 1.72
N LYS A 23 6.49 2.69 3.01
CA LYS A 23 7.88 2.71 3.42
C LYS A 23 8.68 1.60 2.73
N TYR A 24 8.07 0.44 2.51
CA TYR A 24 8.76 -0.64 1.81
C TYR A 24 9.10 -0.24 0.38
N VAL A 25 8.18 0.43 -0.30
CA VAL A 25 8.43 0.87 -1.67
C VAL A 25 9.56 1.89 -1.71
N LEU A 26 9.61 2.77 -0.71
CA LEU A 26 10.61 3.82 -0.66
C LEU A 26 11.97 3.36 -0.14
N GLN A 27 12.06 2.13 0.35
CA GLN A 27 13.32 1.64 0.91
C GLN A 27 14.40 1.61 -0.17
N ASP A 28 15.48 2.35 0.06
CA ASP A 28 16.61 2.38 -0.87
C ASP A 28 16.20 2.91 -2.24
N ALA A 29 15.15 3.71 -2.30
CA ALA A 29 14.72 4.32 -3.54
C ALA A 29 15.62 5.50 -3.89
N ARG A 30 15.55 5.91 -5.15
CA ARG A 30 16.06 7.20 -5.58
C ARG A 30 14.90 8.13 -5.92
N PHE A 31 15.13 9.43 -5.78
CA PHE A 31 14.09 10.43 -5.88
C PHE A 31 14.52 11.53 -6.82
N PHE A 32 13.61 11.97 -7.69
CA PHE A 32 13.90 13.08 -8.60
C PHE A 32 12.75 14.07 -8.60
N LEU A 33 13.10 15.34 -8.47
CA LEU A 33 12.13 16.43 -8.58
C LEU A 33 11.76 16.63 -10.04
N ILE A 34 10.46 16.69 -10.33
CA ILE A 34 9.97 16.98 -11.67
C ILE A 34 9.25 18.32 -11.63
N LYS A 35 9.64 19.23 -12.51
CA LYS A 35 9.06 20.57 -12.54
C LYS A 35 8.35 20.74 -13.88
N SER A 36 7.02 20.65 -13.85
CA SER A 36 6.22 20.79 -15.05
C SER A 36 5.81 22.25 -15.22
N ASN A 37 5.84 22.73 -16.46
CA ASN A 37 5.47 24.12 -16.71
C ASN A 37 3.96 24.35 -16.64
N ASN A 38 3.15 23.30 -16.70
CA ASN A 38 1.71 23.46 -16.71
C ASN A 38 1.02 22.32 -15.97
N HIS A 39 -0.22 22.57 -15.53
CA HIS A 39 -1.00 21.56 -14.85
C HIS A 39 -1.50 20.49 -15.81
N GLU A 40 -1.70 20.86 -17.08
CA GLU A 40 -2.30 19.94 -18.04
C GLU A 40 -1.49 18.66 -18.17
N ASN A 41 -0.16 18.78 -18.23
CA ASN A 41 0.63 17.58 -18.45
C ASN A 41 0.66 16.71 -17.20
N VAL A 42 0.60 17.31 -16.02
CA VAL A 42 0.55 16.49 -14.81
C VAL A 42 -0.78 15.77 -14.73
N SER A 43 -1.86 16.45 -15.14
CA SER A 43 -3.15 15.78 -15.19
C SER A 43 -3.13 14.63 -16.19
N LEU A 44 -2.51 14.84 -17.36
CA LEU A 44 -2.41 13.76 -18.34
C LEU A 44 -1.59 12.60 -17.80
N ALA A 45 -0.53 12.90 -17.07
CA ALA A 45 0.31 11.86 -16.49
C ALA A 45 -0.44 11.03 -15.47
N LYS A 46 -1.29 11.67 -14.66
CA LYS A 46 -2.10 10.95 -13.69
C LYS A 46 -3.14 10.07 -14.37
N ALA A 47 -3.67 10.52 -15.51
CA ALA A 47 -4.70 9.74 -16.21
C ALA A 47 -4.11 8.55 -16.95
N LYS A 48 -2.92 8.71 -17.55
CA LYS A 48 -2.38 7.74 -18.49
C LYS A 48 -1.20 6.96 -17.94
N GLY A 49 -0.64 7.36 -16.79
CA GLY A 49 0.46 6.63 -16.21
C GLY A 49 1.73 6.76 -17.02
N VAL A 50 2.01 7.96 -17.53
CA VAL A 50 3.19 8.20 -18.37
C VAL A 50 3.81 9.53 -17.97
N TRP A 51 5.12 9.63 -18.22
CA TRP A 51 5.80 10.91 -18.12
C TRP A 51 6.89 10.99 -19.18
N SER A 52 7.16 12.21 -19.63
CA SER A 52 8.22 12.51 -20.58
C SER A 52 8.97 13.74 -20.08
N THR A 53 10.28 13.76 -20.31
CA THR A 53 11.13 14.85 -19.87
C THR A 53 12.13 15.18 -20.97
N LEU A 54 12.93 16.22 -20.74
CA LEU A 54 13.93 16.59 -21.72
C LEU A 54 15.07 15.56 -21.77
N PRO A 55 15.83 15.53 -22.88
CA PRO A 55 16.83 14.47 -23.06
C PRO A 55 17.87 14.36 -21.94
N VAL A 56 18.32 15.46 -21.37
CA VAL A 56 19.31 15.37 -20.29
C VAL A 56 18.74 14.60 -19.11
N ASN A 57 17.50 14.89 -18.74
CA ASN A 57 16.88 14.16 -17.63
C ASN A 57 16.45 12.76 -18.02
N GLU A 58 16.06 12.56 -19.29
CA GLU A 58 15.69 11.23 -19.75
C GLU A 58 16.85 10.26 -19.55
N LYS A 59 18.06 10.69 -19.93
CA LYS A 59 19.22 9.83 -19.76
C LYS A 59 19.47 9.52 -18.29
N LYS A 60 19.32 10.52 -17.42
CA LYS A 60 19.56 10.30 -15.99
CA LYS A 60 19.57 10.29 -15.99
C LYS A 60 18.55 9.32 -15.40
N LEU A 61 17.28 9.46 -15.79
CA LEU A 61 16.27 8.58 -15.23
C LEU A 61 16.43 7.14 -15.74
N ASN A 62 16.86 6.98 -16.99
CA ASN A 62 17.12 5.64 -17.50
C ASN A 62 18.26 4.97 -16.73
N LEU A 63 19.35 5.70 -16.49
CA LEU A 63 20.43 5.17 -15.65
C LEU A 63 19.91 4.79 -14.27
N ALA A 64 19.13 5.67 -13.64
CA ALA A 64 18.65 5.40 -12.30
C ALA A 64 17.72 4.19 -12.28
N PHE A 65 16.89 4.03 -13.31
CA PHE A 65 15.92 2.93 -13.31
C PHE A 65 16.61 1.58 -13.18
N ARG A 66 17.79 1.44 -13.80
CA ARG A 66 18.53 0.19 -13.73
C ARG A 66 19.24 0.01 -12.40
N SER A 67 19.45 1.09 -11.66
CA SER A 67 20.36 1.14 -10.52
C SER A 67 19.67 0.94 -9.18
N ALA A 68 18.36 1.11 -9.09
CA ALA A 68 17.72 1.16 -7.80
C ALA A 68 16.43 0.37 -7.83
N ARG A 69 16.01 -0.09 -6.64
CA ARG A 69 14.79 -0.86 -6.50
C ARG A 69 13.56 -0.06 -6.91
N SER A 70 13.59 1.26 -6.69
CA SER A 70 12.49 2.14 -7.01
C SER A 70 13.07 3.50 -7.39
N VAL A 71 12.56 4.09 -8.46
CA VAL A 71 12.88 5.45 -8.83
C VAL A 71 11.59 6.26 -8.72
N ILE A 72 11.59 7.28 -7.86
CA ILE A 72 10.40 8.05 -7.52
C ILE A 72 10.53 9.42 -8.16
N LEU A 73 9.50 9.82 -8.92
CA LEU A 73 9.33 11.18 -9.43
C LEU A 73 8.38 11.93 -8.51
N ILE A 74 8.81 13.09 -8.03
CA ILE A 74 7.98 13.96 -7.18
C ILE A 74 7.66 15.20 -7.99
N PHE A 75 6.38 15.42 -8.26
CA PHE A 75 5.94 16.40 -9.25
C PHE A 75 5.60 17.75 -8.63
N SER A 76 6.04 18.83 -9.28
CA SER A 76 5.60 20.17 -8.92
C SER A 76 5.34 20.99 -10.17
N VAL A 77 4.13 21.52 -10.27
CA VAL A 77 3.79 22.46 -11.34
C VAL A 77 4.34 23.83 -11.00
N ARG A 78 5.11 24.39 -11.94
CA ARG A 78 5.78 25.66 -11.66
C ARG A 78 4.79 26.75 -11.30
N GLU A 79 5.16 27.55 -10.30
CA GLU A 79 4.39 28.66 -9.73
C GLU A 79 3.15 28.20 -8.97
N SER A 80 2.94 26.90 -8.78
CA SER A 80 1.76 26.46 -8.05
C SER A 80 1.95 26.51 -6.54
N GLY A 81 3.18 26.61 -6.07
CA GLY A 81 3.40 26.59 -4.63
C GLY A 81 3.19 25.24 -3.99
N LYS A 82 3.08 24.18 -4.79
CA LYS A 82 2.72 22.87 -4.25
C LYS A 82 3.43 21.78 -5.04
N PHE A 83 3.50 20.59 -4.43
CA PHE A 83 3.69 19.35 -5.16
C PHE A 83 2.33 18.75 -5.47
N GLN A 84 2.23 18.07 -6.62
CA GLN A 84 0.96 17.47 -7.00
C GLN A 84 0.92 15.96 -6.83
N GLY A 85 1.98 15.33 -6.31
CA GLY A 85 1.97 13.90 -6.07
C GLY A 85 3.30 13.27 -6.39
N PHE A 86 3.37 11.93 -6.28
CA PHE A 86 4.60 11.25 -6.68
C PHE A 86 4.29 9.86 -7.22
N ALA A 87 5.22 9.34 -8.02
CA ALA A 87 4.99 8.13 -8.80
C ALA A 87 6.31 7.39 -8.92
N ARG A 88 6.23 6.11 -9.26
CA ARG A 88 7.40 5.25 -9.38
C ARG A 88 7.57 4.84 -10.84
N LEU A 89 8.78 5.02 -11.39
CA LEU A 89 9.04 4.52 -12.75
C LEU A 89 8.76 3.02 -12.82
N SER A 90 8.04 2.58 -13.85
CA SER A 90 7.90 1.15 -14.07
C SER A 90 8.60 0.69 -15.35
N SER A 91 9.24 1.61 -16.07
CA SER A 91 9.96 1.29 -17.31
C SER A 91 11.01 2.37 -17.55
N GLU A 92 12.02 2.01 -18.36
CA GLU A 92 12.85 3.02 -19.02
C GLU A 92 12.03 3.73 -20.10
N SER A 93 12.58 4.81 -20.65
CA SER A 93 11.86 5.53 -21.69
C SER A 93 11.78 4.70 -22.97
N HIS A 94 10.69 4.90 -23.71
CA HIS A 94 10.48 4.20 -24.97
C HIS A 94 9.86 5.16 -25.98
N HIS A 95 10.21 4.95 -27.25
CA HIS A 95 9.74 5.77 -28.35
C HIS A 95 8.82 4.96 -29.25
N GLY A 96 8.16 5.65 -30.18
CA GLY A 96 7.35 5.01 -31.18
C GLY A 96 5.93 4.71 -30.77
N GLY A 97 5.55 4.98 -29.52
CA GLY A 97 4.17 4.82 -29.12
C GLY A 97 3.28 5.88 -29.77
N SER A 98 2.00 5.75 -29.52
CA SER A 98 1.05 6.77 -29.96
C SER A 98 1.39 8.09 -29.27
N PRO A 99 1.59 9.17 -30.03
CA PRO A 99 2.10 10.41 -29.43
C PRO A 99 1.19 10.92 -28.33
N ILE A 100 1.77 11.14 -27.16
CA ILE A 100 1.02 11.69 -26.03
C ILE A 100 0.80 13.17 -26.26
N HIS A 101 -0.44 13.63 -26.06
CA HIS A 101 -0.83 15.00 -26.40
C HIS A 101 -0.45 15.99 -25.29
N TRP A 102 0.85 16.04 -25.02
CA TRP A 102 1.37 17.05 -24.10
C TRP A 102 1.03 18.46 -24.57
N VAL A 103 0.64 19.31 -23.64
CA VAL A 103 0.57 20.74 -23.90
C VAL A 103 1.99 21.30 -23.79
N LEU A 104 2.50 21.85 -24.90
CA LEU A 104 3.90 22.21 -24.95
C LEU A 104 4.09 23.66 -24.53
N PRO A 105 5.04 23.95 -23.65
CA PRO A 105 5.40 25.34 -23.36
C PRO A 105 6.13 25.96 -24.55
N ALA A 106 6.25 27.28 -24.52
CA ALA A 106 7.04 27.98 -25.52
C ALA A 106 8.48 27.50 -25.48
N GLY A 107 9.06 27.24 -26.65
CA GLY A 107 10.41 26.75 -26.74
C GLY A 107 10.58 25.25 -26.56
N MET A 108 9.51 24.53 -26.20
CA MET A 108 9.55 23.09 -26.01
C MET A 108 8.74 22.40 -27.10
N SER A 109 9.30 21.33 -27.67
CA SER A 109 8.70 20.66 -28.81
C SER A 109 8.40 19.20 -28.47
N ALA A 110 7.57 18.58 -29.32
CA ALA A 110 7.22 17.19 -29.12
C ALA A 110 8.43 16.28 -29.27
N LYS A 111 9.37 16.64 -30.12
CA LYS A 111 10.50 15.76 -30.41
C LYS A 111 11.38 15.58 -29.18
N MET A 112 11.54 16.61 -28.35
CA MET A 112 12.40 16.48 -27.19
C MET A 112 11.64 16.07 -25.93
N LEU A 113 10.33 15.85 -26.03
CA LEU A 113 9.59 15.03 -25.06
C LEU A 113 9.28 13.65 -25.60
N GLY A 114 10.05 13.18 -26.59
CA GLY A 114 9.66 11.99 -27.32
C GLY A 114 9.78 10.70 -26.53
N GLY A 115 10.67 10.67 -25.53
CA GLY A 115 10.82 9.45 -24.73
C GLY A 115 9.75 9.37 -23.66
N VAL A 116 9.05 8.24 -23.61
CA VAL A 116 7.91 8.05 -22.71
C VAL A 116 8.26 7.01 -21.66
N PHE A 117 8.16 7.40 -20.38
CA PHE A 117 8.31 6.50 -19.24
C PHE A 117 6.94 6.06 -18.76
N LYS A 118 6.78 4.76 -18.49
CA LYS A 118 5.59 4.32 -17.76
C LYS A 118 5.81 4.51 -16.27
N ILE A 119 4.77 4.98 -15.59
CA ILE A 119 4.83 5.27 -14.16
C ILE A 119 3.59 4.72 -13.46
N ASP A 120 3.77 4.33 -12.21
CA ASP A 120 2.68 3.96 -11.32
C ASP A 120 2.59 5.01 -10.23
N TRP A 121 1.44 5.65 -10.13
CA TRP A 121 1.23 6.68 -9.13
C TRP A 121 1.20 6.05 -7.76
N ILE A 122 1.90 6.69 -6.82
CA ILE A 122 1.84 6.29 -5.43
C ILE A 122 0.96 7.23 -4.63
N CYS A 123 0.91 8.50 -5.00
CA CYS A 123 0.07 9.48 -4.33
C CYS A 123 -0.33 10.54 -5.35
N ARG A 124 -1.64 10.75 -5.55
CA ARG A 124 -2.08 11.80 -6.48
C ARG A 124 -2.55 13.05 -5.75
N ARG A 125 -2.35 13.11 -4.44
CA ARG A 125 -2.73 14.24 -3.60
C ARG A 125 -1.65 15.32 -3.60
N GLU A 126 -2.08 16.55 -3.31
CA GLU A 126 -1.20 17.70 -3.27
C GLU A 126 -0.51 17.84 -1.92
N LEU A 127 0.66 18.48 -1.93
CA LEU A 127 1.32 18.92 -0.70
C LEU A 127 1.84 20.34 -0.88
N PRO A 128 1.37 21.31 -0.10
CA PRO A 128 1.89 22.68 -0.24
C PRO A 128 3.34 22.77 0.22
N PHE A 129 4.10 23.65 -0.44
CA PHE A 129 5.50 23.89 -0.08
C PHE A 129 5.62 24.32 1.37
N THR A 130 4.62 25.00 1.92
CA THR A 130 4.68 25.42 3.30
C THR A 130 4.87 24.24 4.26
N LYS A 131 4.47 23.04 3.85
CA LYS A 131 4.60 21.85 4.70
C LYS A 131 5.94 21.14 4.60
N SER A 132 6.78 21.49 3.61
CA SER A 132 8.09 20.86 3.46
C SER A 132 9.24 21.82 3.78
N ALA A 133 8.94 22.95 4.44
CA ALA A 133 9.95 23.96 4.68
C ALA A 133 11.06 23.49 5.61
N HIS A 134 10.82 22.42 6.37
CA HIS A 134 11.83 21.89 7.27
C HIS A 134 12.75 20.87 6.59
N LEU A 135 12.58 20.60 5.30
CA LEU A 135 13.37 19.59 4.60
C LEU A 135 14.29 20.25 3.61
N THR A 136 15.59 19.98 3.73
CA THR A 136 16.60 20.49 2.81
C THR A 136 17.26 19.34 2.08
N ASN A 137 17.70 19.62 0.85
CA ASN A 137 18.23 18.61 -0.06
C ASN A 137 19.75 18.74 -0.12
N PRO A 138 20.51 17.79 0.44
CA PRO A 138 21.98 17.87 0.36
C PRO A 138 22.50 17.95 -1.07
N TRP A 139 21.78 17.39 -2.05
CA TRP A 139 22.27 17.44 -3.42
C TRP A 139 21.96 18.74 -4.14
N ASN A 140 21.28 19.68 -3.47
CA ASN A 140 21.14 21.05 -3.99
C ASN A 140 21.48 22.05 -2.88
N GLU A 141 22.70 21.92 -2.36
CA GLU A 141 23.30 22.91 -1.45
C GLU A 141 22.44 23.14 -0.19
N HIS A 142 21.70 22.10 0.20
CA HIS A 142 20.80 22.14 1.36
C HIS A 142 19.79 23.26 1.27
N LYS A 143 19.40 23.62 0.06
CA LYS A 143 18.27 24.48 -0.12
C LYS A 143 16.99 23.70 0.18
N PRO A 144 15.92 24.38 0.56
CA PRO A 144 14.63 23.70 0.76
C PRO A 144 14.31 22.82 -0.44
N VAL A 145 13.77 21.62 -0.14
CA VAL A 145 13.58 20.61 -1.18
C VAL A 145 12.64 21.07 -2.29
N LYS A 146 11.74 22.03 -2.02
CA LYS A 146 10.95 22.63 -3.09
C LYS A 146 11.81 23.30 -4.15
N ILE A 147 13.04 23.69 -3.83
CA ILE A 147 13.88 24.42 -4.77
C ILE A 147 14.69 23.43 -5.59
N GLY A 148 14.64 23.57 -6.90
CA GLY A 148 15.43 22.73 -7.76
C GLY A 148 14.94 22.75 -9.19
N ARG A 149 15.84 22.52 -10.13
CA ARG A 149 15.49 22.43 -11.54
C ARG A 149 14.78 21.10 -11.80
N ASP A 150 14.02 21.07 -12.89
CA ASP A 150 13.49 19.80 -13.37
C ASP A 150 14.62 18.77 -13.44
N GLY A 151 14.40 17.61 -12.83
CA GLY A 151 15.39 16.55 -12.83
C GLY A 151 16.32 16.51 -11.63
N GLN A 152 16.28 17.52 -10.74
CA GLN A 152 17.16 17.54 -9.59
C GLN A 152 16.98 16.30 -8.73
N GLU A 153 18.06 15.57 -8.47
CA GLU A 153 17.95 14.43 -7.58
C GLU A 153 17.82 14.88 -6.12
N ILE A 154 16.98 14.17 -5.37
CA ILE A 154 16.78 14.41 -3.95
C ILE A 154 17.39 13.25 -3.17
N GLU A 155 18.28 13.59 -2.22
CA GLU A 155 18.95 12.58 -1.41
C GLU A 155 17.94 11.71 -0.63
N LEU A 156 18.33 10.45 -0.40
CA LEU A 156 17.45 9.41 0.13
C LEU A 156 16.61 9.85 1.33
N GLU A 157 17.26 10.34 2.39
CA GLU A 157 16.51 10.67 3.61
C GLU A 157 15.54 11.83 3.36
N CYS A 158 16.00 12.89 2.70
CA CYS A 158 15.12 14.00 2.37
C CYS A 158 13.92 13.54 1.53
N GLY A 159 14.18 12.74 0.50
CA GLY A 159 13.12 12.31 -0.38
C GLY A 159 12.12 11.40 0.33
N THR A 160 12.62 10.52 1.19
CA THR A 160 11.75 9.65 1.97
C THR A 160 10.83 10.46 2.86
N GLN A 161 11.42 11.43 3.59
CA GLN A 161 10.63 12.25 4.49
C GLN A 161 9.63 13.10 3.72
N LEU A 162 10.03 13.60 2.54
CA LEU A 162 9.11 14.40 1.73
C LEU A 162 7.91 13.56 1.31
N CYS A 163 8.16 12.34 0.83
CA CYS A 163 7.04 11.51 0.40
C CYS A 163 6.14 11.14 1.57
N LEU A 164 6.71 10.94 2.75
CA LEU A 164 5.89 10.61 3.90
C LEU A 164 5.03 11.78 4.38
N LEU A 165 5.31 13.01 3.95
CA LEU A 165 4.51 14.17 4.34
C LEU A 165 3.19 14.25 3.57
N PHE A 166 3.11 13.63 2.39
CA PHE A 166 1.91 13.75 1.58
C PHE A 166 0.73 13.11 2.30
N PRO A 167 -0.46 13.68 2.14
CA PRO A 167 -1.65 13.01 2.65
C PRO A 167 -1.75 11.62 2.06
N PRO A 168 -2.26 10.65 2.82
CA PRO A 168 -2.45 9.30 2.26
C PRO A 168 -3.40 9.33 1.08
N ASP A 169 -3.09 8.54 0.05
CA ASP A 169 -3.98 8.37 -1.10
C ASP A 169 -4.63 7.00 -0.99
N GLU A 170 -5.83 6.98 -0.42
CA GLU A 170 -6.53 5.74 -0.12
C GLU A 170 -7.10 5.08 -1.36
N SER A 171 -7.01 5.72 -2.52
CA SER A 171 -7.43 5.10 -3.77
C SER A 171 -6.37 4.17 -4.36
N ILE A 172 -5.16 4.14 -3.80
CA ILE A 172 -4.04 3.41 -4.39
C ILE A 172 -3.72 2.20 -3.53
N ASP A 173 -3.45 1.07 -4.19
CA ASP A 173 -3.05 -0.19 -3.56
C ASP A 173 -1.65 -0.51 -4.02
N LEU A 174 -0.67 -0.44 -3.10
CA LEU A 174 0.74 -0.63 -3.44
C LEU A 174 1.13 -2.09 -3.63
N TYR A 175 0.20 -3.04 -3.55
CA TYR A 175 0.54 -4.46 -3.67
C TYR A 175 1.21 -4.76 -5.02
N GLN A 176 0.64 -4.28 -6.13
CA GLN A 176 1.22 -4.52 -7.45
C GLN A 176 2.57 -3.83 -7.62
N VAL A 177 2.75 -2.65 -7.03
CA VAL A 177 4.02 -1.96 -7.15
C VAL A 177 5.13 -2.73 -6.44
N ILE A 178 4.82 -3.28 -5.26
CA ILE A 178 5.82 -4.02 -4.51
C ILE A 178 6.35 -5.20 -5.32
N HIS A 179 5.48 -5.82 -6.09
CA HIS A 179 5.89 -6.97 -6.89
C HIS A 179 6.67 -6.59 -8.14
N LYS A 180 6.72 -5.31 -8.50
CA LYS A 180 7.58 -4.88 -9.58
C LYS A 180 9.00 -4.59 -9.12
N MET A 181 9.25 -4.51 -7.81
CA MET A 181 10.64 -4.32 -7.35
C MET A 181 11.41 -5.65 -7.28
N GLY B 18 -3.47 -33.38 6.88
CA GLY B 18 -2.39 -32.86 6.06
C GLY B 18 -2.58 -31.39 5.72
N THR B 19 -1.64 -30.80 4.99
CA THR B 19 -1.69 -29.39 4.67
C THR B 19 -2.06 -29.09 3.22
N SER B 20 -2.35 -30.11 2.38
CA SER B 20 -2.65 -29.84 0.98
C SER B 20 -3.82 -28.88 0.83
N LYS B 21 -4.90 -29.11 1.57
CA LYS B 21 -6.08 -28.26 1.44
C LYS B 21 -5.76 -26.83 1.85
N LEU B 22 -5.16 -26.67 3.03
CA LEU B 22 -4.86 -25.32 3.50
C LEU B 22 -3.88 -24.63 2.56
N LYS B 23 -2.86 -25.35 2.09
CA LYS B 23 -1.92 -24.72 1.16
C LYS B 23 -2.62 -24.27 -0.12
N TYR B 24 -3.60 -25.05 -0.59
CA TYR B 24 -4.38 -24.63 -1.75
C TYR B 24 -5.17 -23.35 -1.45
N VAL B 25 -5.79 -23.26 -0.28
CA VAL B 25 -6.54 -22.05 0.08
C VAL B 25 -5.61 -20.85 0.14
N LEU B 26 -4.38 -21.04 0.59
CA LEU B 26 -3.47 -19.93 0.81
C LEU B 26 -2.62 -19.57 -0.41
N GLN B 27 -2.70 -20.32 -1.50
CA GLN B 27 -1.93 -19.98 -2.68
C GLN B 27 -2.37 -18.62 -3.20
N ASP B 28 -1.40 -17.73 -3.40
CA ASP B 28 -1.65 -16.41 -3.98
C ASP B 28 -2.55 -15.55 -3.08
N ALA B 29 -2.54 -15.82 -1.77
CA ALA B 29 -3.36 -15.07 -0.85
C ALA B 29 -2.70 -13.75 -0.45
N ARG B 30 -3.53 -12.82 -0.02
CA ARG B 30 -3.06 -11.64 0.72
C ARG B 30 -3.49 -11.81 2.18
N PHE B 31 -2.71 -11.24 3.09
CA PHE B 31 -2.85 -11.45 4.52
C PHE B 31 -2.89 -10.12 5.24
N PHE B 32 -3.84 -9.96 6.17
CA PHE B 32 -3.91 -8.74 6.96
C PHE B 32 -4.05 -9.07 8.43
N LEU B 33 -3.25 -8.39 9.27
CA LEU B 33 -3.39 -8.50 10.71
C LEU B 33 -4.60 -7.71 11.16
N ILE B 34 -5.39 -8.29 12.06
CA ILE B 34 -6.56 -7.62 12.65
C ILE B 34 -6.30 -7.50 14.13
N LYS B 35 -6.39 -6.28 14.66
CA LYS B 35 -6.12 -6.01 16.07
C LYS B 35 -7.39 -5.50 16.73
N SER B 36 -8.10 -6.39 17.42
CA SER B 36 -9.31 -6.02 18.12
C SER B 36 -8.97 -5.47 19.50
N ASN B 37 -9.62 -4.37 19.87
CA ASN B 37 -9.45 -3.83 21.21
C ASN B 37 -9.99 -4.76 22.28
N ASN B 38 -10.93 -5.63 21.93
CA ASN B 38 -11.60 -6.46 22.93
C ASN B 38 -11.80 -7.89 22.43
N HIS B 39 -12.00 -8.78 23.40
CA HIS B 39 -12.26 -10.19 23.11
C HIS B 39 -13.69 -10.43 22.65
N GLU B 40 -14.64 -9.62 23.14
CA GLU B 40 -16.06 -9.89 22.85
C GLU B 40 -16.35 -9.86 21.36
N ASN B 41 -15.78 -8.90 20.62
CA ASN B 41 -16.10 -8.81 19.20
C ASN B 41 -15.48 -9.97 18.41
N VAL B 42 -14.34 -10.49 18.89
CA VAL B 42 -13.77 -11.66 18.23
C VAL B 42 -14.63 -12.90 18.49
N SER B 43 -15.16 -13.04 19.71
CA SER B 43 -16.07 -14.14 20.00
CA SER B 43 -16.08 -14.13 20.01
C SER B 43 -17.33 -14.04 19.14
N LEU B 44 -17.90 -12.85 19.03
CA LEU B 44 -19.05 -12.63 18.17
C LEU B 44 -18.73 -13.03 16.74
N ALA B 45 -17.58 -12.55 16.24
CA ALA B 45 -17.20 -12.79 14.85
C ALA B 45 -16.97 -14.26 14.59
N LYS B 46 -16.38 -14.96 15.55
CA LYS B 46 -16.10 -16.39 15.37
C LYS B 46 -17.38 -17.17 15.20
N ALA B 47 -18.45 -16.79 15.90
CA ALA B 47 -19.69 -17.57 15.85
C ALA B 47 -20.52 -17.21 14.63
N LYS B 48 -20.54 -15.92 14.26
CA LYS B 48 -21.43 -15.42 13.24
C LYS B 48 -20.79 -15.34 11.86
N GLY B 49 -19.46 -15.34 11.79
CA GLY B 49 -18.81 -15.27 10.49
C GLY B 49 -18.86 -13.90 9.84
N VAL B 50 -18.62 -12.85 10.61
CA VAL B 50 -18.63 -11.46 10.14
C VAL B 50 -17.49 -10.69 10.79
N TRP B 51 -17.04 -9.66 10.10
CA TRP B 51 -16.10 -8.71 10.68
C TRP B 51 -16.38 -7.33 10.12
N SER B 52 -16.05 -6.32 10.91
CA SER B 52 -16.08 -4.92 10.52
C SER B 52 -14.80 -4.27 11.02
N THR B 53 -14.31 -3.30 10.25
CA THR B 53 -13.11 -2.55 10.64
C THR B 53 -13.32 -1.08 10.35
N LEU B 54 -12.33 -0.26 10.72
CA LEU B 54 -12.40 1.18 10.53
C LEU B 54 -12.26 1.54 9.05
N PRO B 55 -12.64 2.76 8.66
CA PRO B 55 -12.81 3.03 7.21
C PRO B 55 -11.54 2.88 6.40
N VAL B 56 -10.37 3.21 6.93
CA VAL B 56 -9.14 3.08 6.15
C VAL B 56 -8.90 1.62 5.80
N ASN B 57 -9.02 0.74 6.80
CA ASN B 57 -8.83 -0.69 6.54
C ASN B 57 -9.96 -1.28 5.73
N GLU B 58 -11.18 -0.75 5.88
CA GLU B 58 -12.29 -1.26 5.09
C GLU B 58 -12.02 -1.10 3.61
N LYS B 59 -11.53 0.08 3.21
CA LYS B 59 -11.21 0.31 1.80
C LYS B 59 -10.09 -0.62 1.35
N LYS B 60 -9.06 -0.78 2.18
CA LYS B 60 -7.96 -1.68 1.84
C LYS B 60 -8.44 -3.10 1.62
N LEU B 61 -9.32 -3.60 2.50
CA LEU B 61 -9.76 -4.98 2.36
C LEU B 61 -10.66 -5.17 1.15
N ASN B 62 -11.48 -4.16 0.82
CA ASN B 62 -12.32 -4.28 -0.37
C ASN B 62 -11.48 -4.33 -1.63
N LEU B 63 -10.45 -3.47 -1.72
CA LEU B 63 -9.53 -3.55 -2.85
C LEU B 63 -8.89 -4.92 -2.94
N ALA B 64 -8.41 -5.44 -1.82
CA ALA B 64 -7.73 -6.74 -1.84
C ALA B 64 -8.70 -7.84 -2.22
N PHE B 65 -9.93 -7.78 -1.73
CA PHE B 65 -10.89 -8.84 -2.04
C PHE B 65 -11.15 -8.92 -3.53
N ARG B 66 -11.35 -7.76 -4.18
CA ARG B 66 -11.71 -7.72 -5.58
C ARG B 66 -10.59 -8.24 -6.47
N SER B 67 -9.34 -8.16 -6.01
CA SER B 67 -8.20 -8.47 -6.86
C SER B 67 -7.43 -9.72 -6.46
N ALA B 68 -7.56 -10.20 -5.23
CA ALA B 68 -6.77 -11.33 -4.75
C ALA B 68 -7.60 -12.61 -4.72
N ARG B 69 -6.92 -13.75 -4.90
CA ARG B 69 -7.60 -15.04 -4.93
C ARG B 69 -8.20 -15.38 -3.56
N SER B 70 -7.47 -15.11 -2.48
CA SER B 70 -7.96 -15.21 -1.11
C SER B 70 -7.41 -14.04 -0.33
N VAL B 71 -8.23 -13.51 0.58
CA VAL B 71 -7.81 -12.47 1.53
C VAL B 71 -8.00 -13.04 2.93
N ILE B 72 -6.91 -13.15 3.67
CA ILE B 72 -6.90 -13.81 4.97
C ILE B 72 -6.73 -12.75 6.06
N LEU B 73 -7.61 -12.79 7.06
CA LEU B 73 -7.52 -11.96 8.25
C LEU B 73 -6.95 -12.81 9.38
N ILE B 74 -5.87 -12.36 9.99
CA ILE B 74 -5.26 -13.06 11.12
C ILE B 74 -5.48 -12.21 12.36
N PHE B 75 -6.20 -12.75 13.34
CA PHE B 75 -6.74 -11.99 14.45
C PHE B 75 -5.84 -12.03 15.68
N SER B 76 -5.64 -10.86 16.29
CA SER B 76 -4.93 -10.77 17.57
C SER B 76 -5.57 -9.68 18.42
N VAL B 77 -6.13 -10.08 19.56
CA VAL B 77 -6.74 -9.13 20.48
C VAL B 77 -5.63 -8.36 21.18
N ARG B 78 -5.79 -7.04 21.28
CA ARG B 78 -4.77 -6.18 21.86
C ARG B 78 -4.42 -6.65 23.27
N GLU B 79 -3.13 -6.71 23.56
CA GLU B 79 -2.56 -7.07 24.86
CA GLU B 79 -2.54 -7.08 24.85
C GLU B 79 -2.77 -8.55 25.22
N SER B 80 -3.23 -9.38 24.29
CA SER B 80 -3.47 -10.78 24.65
C SER B 80 -2.23 -11.68 24.55
N GLY B 81 -1.18 -11.23 23.87
CA GLY B 81 -0.03 -12.09 23.65
C GLY B 81 -0.24 -13.27 22.73
N LYS B 82 -1.35 -13.29 21.99
CA LYS B 82 -1.67 -14.44 21.14
C LYS B 82 -2.39 -13.96 19.89
N PHE B 83 -2.40 -14.83 18.89
CA PHE B 83 -3.40 -14.76 17.83
C PHE B 83 -4.56 -15.67 18.21
N GLN B 84 -5.77 -15.26 17.84
CA GLN B 84 -6.97 -16.03 18.18
C GLN B 84 -7.52 -16.84 17.03
N GLY B 85 -6.95 -16.73 15.84
CA GLY B 85 -7.35 -17.53 14.71
C GLY B 85 -7.22 -16.74 13.42
N PHE B 86 -7.71 -17.33 12.34
CA PHE B 86 -7.68 -16.65 11.06
C PHE B 86 -8.84 -17.09 10.18
N ALA B 87 -9.19 -16.24 9.23
CA ALA B 87 -10.41 -16.40 8.43
C ALA B 87 -10.17 -15.84 7.05
N ARG B 88 -11.00 -16.25 6.10
CA ARG B 88 -10.95 -15.79 4.72
C ARG B 88 -12.17 -14.94 4.40
N LEU B 89 -11.94 -13.75 3.82
CA LEU B 89 -13.07 -12.96 3.31
C LEU B 89 -13.85 -13.75 2.27
N SER B 90 -15.17 -13.77 2.43
CA SER B 90 -16.04 -14.33 1.41
C SER B 90 -16.84 -13.25 0.70
N SER B 91 -16.72 -12.00 1.12
CA SER B 91 -17.39 -10.90 0.46
C SER B 91 -16.62 -9.62 0.73
N GLU B 92 -16.86 -8.62 -0.12
CA GLU B 92 -16.50 -7.28 0.26
C GLU B 92 -17.46 -6.78 1.35
N SER B 93 -17.16 -5.60 1.89
CA SER B 93 -18.02 -5.07 2.94
C SER B 93 -19.34 -4.63 2.34
N HIS B 94 -20.39 -4.76 3.13
CA HIS B 94 -21.71 -4.34 2.67
C HIS B 94 -22.43 -3.61 3.78
N HIS B 95 -23.13 -2.56 3.40
CA HIS B 95 -23.92 -1.77 4.32
C HIS B 95 -25.40 -2.08 4.12
N GLY B 96 -26.18 -1.89 5.17
CA GLY B 96 -27.62 -2.03 5.07
C GLY B 96 -28.21 -3.29 5.68
N GLY B 97 -27.38 -4.25 6.06
CA GLY B 97 -27.87 -5.39 6.82
C GLY B 97 -28.26 -4.98 8.23
N SER B 98 -28.88 -5.92 8.94
CA SER B 98 -29.28 -5.63 10.32
C SER B 98 -28.02 -5.48 11.18
N PRO B 99 -28.00 -4.52 12.09
CA PRO B 99 -26.73 -4.15 12.74
C PRO B 99 -26.12 -5.30 13.51
N ILE B 100 -24.89 -5.65 13.14
CA ILE B 100 -24.08 -6.41 14.07
C ILE B 100 -23.89 -5.55 15.29
N HIS B 101 -24.26 -6.05 16.44
CA HIS B 101 -24.22 -5.24 17.65
C HIS B 101 -22.90 -5.48 18.38
N TRP B 102 -21.84 -4.98 17.74
CA TRP B 102 -20.51 -5.01 18.32
C TRP B 102 -20.49 -4.34 19.69
N VAL B 103 -19.62 -4.83 20.56
CA VAL B 103 -19.26 -4.12 21.78
C VAL B 103 -18.28 -3.02 21.38
N LEU B 104 -18.71 -1.77 21.51
CA LEU B 104 -17.97 -0.65 20.94
C LEU B 104 -17.00 -0.08 21.96
N PRO B 105 -15.70 0.00 21.67
CA PRO B 105 -14.79 0.70 22.55
C PRO B 105 -15.08 2.18 22.60
N ALA B 106 -14.66 2.80 23.70
CA ALA B 106 -14.81 4.24 23.87
C ALA B 106 -14.30 4.98 22.64
N GLY B 107 -15.14 5.86 22.11
CA GLY B 107 -14.78 6.62 20.93
C GLY B 107 -14.86 5.88 19.62
N MET B 108 -15.42 4.67 19.62
CA MET B 108 -15.59 3.89 18.39
C MET B 108 -17.08 3.63 18.23
N SER B 109 -17.66 4.16 17.16
CA SER B 109 -19.10 4.17 16.96
C SER B 109 -19.50 3.16 15.90
N ALA B 110 -20.80 2.86 15.87
CA ALA B 110 -21.34 1.90 14.92
C ALA B 110 -21.05 2.34 13.48
N LYS B 111 -21.16 3.64 13.20
CA LYS B 111 -21.01 4.12 11.83
C LYS B 111 -19.60 3.90 11.30
N MET B 112 -18.58 4.11 12.14
CA MET B 112 -17.22 3.93 11.65
C MET B 112 -16.80 2.47 11.51
N LEU B 113 -17.49 1.55 12.17
CA LEU B 113 -17.27 0.15 11.81
C LEU B 113 -18.02 -0.20 10.53
N GLY B 114 -19.20 0.38 10.36
CA GLY B 114 -19.87 0.47 9.07
C GLY B 114 -20.12 -0.80 8.29
N GLY B 115 -19.28 -1.06 7.28
CA GLY B 115 -19.56 -2.17 6.38
C GLY B 115 -19.24 -3.50 7.05
N VAL B 116 -20.05 -4.51 6.73
CA VAL B 116 -19.85 -5.84 7.31
C VAL B 116 -19.28 -6.75 6.24
N PHE B 117 -18.13 -7.36 6.54
CA PHE B 117 -17.54 -8.40 5.70
C PHE B 117 -18.05 -9.75 6.17
N LYS B 118 -18.44 -10.59 5.22
CA LYS B 118 -18.66 -11.99 5.53
C LYS B 118 -17.32 -12.71 5.51
N ILE B 119 -17.08 -13.57 6.52
CA ILE B 119 -15.83 -14.29 6.62
C ILE B 119 -16.10 -15.76 6.94
N ASP B 120 -15.25 -16.63 6.41
CA ASP B 120 -15.24 -18.05 6.73
C ASP B 120 -13.99 -18.34 7.56
N TRP B 121 -14.19 -18.76 8.81
CA TRP B 121 -13.07 -19.09 9.67
C TRP B 121 -12.36 -20.34 9.17
N ILE B 122 -11.02 -20.30 9.20
CA ILE B 122 -10.20 -21.46 8.87
C ILE B 122 -9.64 -22.08 10.14
N CYS B 123 -9.34 -21.26 11.13
CA CYS B 123 -8.92 -21.77 12.42
C CYS B 123 -9.40 -20.80 13.50
N ARG B 124 -10.04 -21.32 14.54
CA ARG B 124 -10.47 -20.50 15.67
C ARG B 124 -9.68 -20.83 16.93
N ARG B 125 -8.59 -21.57 16.80
CA ARG B 125 -7.73 -21.88 17.93
C ARG B 125 -6.60 -20.86 18.07
N GLU B 126 -6.14 -20.71 19.30
CA GLU B 126 -5.13 -19.72 19.62
C GLU B 126 -3.74 -20.17 19.19
N LEU B 127 -2.91 -19.19 18.87
CA LEU B 127 -1.48 -19.40 18.64
C LEU B 127 -0.74 -18.35 19.46
N PRO B 128 -0.02 -18.74 20.51
CA PRO B 128 0.74 -17.75 21.29
C PRO B 128 1.89 -17.16 20.48
N PHE B 129 2.20 -15.90 20.76
CA PHE B 129 3.30 -15.23 20.08
C PHE B 129 4.61 -16.00 20.23
N THR B 130 4.76 -16.77 21.32
CA THR B 130 5.96 -17.56 21.53
C THR B 130 6.16 -18.63 20.46
N LYS B 131 5.14 -18.94 19.67
CA LYS B 131 5.29 -19.91 18.61
C LYS B 131 5.55 -19.28 17.25
N SER B 132 5.47 -17.96 17.12
CA SER B 132 5.73 -17.27 15.87
C SER B 132 6.95 -16.37 15.93
N ALA B 133 7.79 -16.56 16.96
CA ALA B 133 8.90 -15.66 17.23
C ALA B 133 9.95 -15.67 16.12
N HIS B 134 10.03 -16.74 15.34
CA HIS B 134 11.00 -16.84 14.26
C HIS B 134 10.54 -16.16 12.97
N LEU B 135 9.29 -15.70 12.89
CA LEU B 135 8.75 -15.14 11.65
C LEU B 135 8.77 -13.62 11.69
N THR B 136 9.30 -13.02 10.65
CA THR B 136 9.35 -11.57 10.49
C THR B 136 8.67 -11.17 9.20
N ASN B 137 8.03 -9.99 9.21
CA ASN B 137 7.23 -9.51 8.09
C ASN B 137 8.05 -8.50 7.30
N PRO B 138 8.50 -8.85 6.08
CA PRO B 138 9.28 -7.87 5.29
C PRO B 138 8.55 -6.58 5.01
N TRP B 139 7.21 -6.58 4.99
CA TRP B 139 6.44 -5.38 4.69
C TRP B 139 6.15 -4.56 5.93
N ASN B 140 6.74 -4.91 7.07
CA ASN B 140 6.76 -4.09 8.27
C ASN B 140 8.16 -4.06 8.83
N GLU B 141 9.12 -3.69 7.97
CA GLU B 141 10.54 -3.49 8.33
C GLU B 141 11.19 -4.74 8.94
N HIS B 142 10.72 -5.93 8.54
CA HIS B 142 11.29 -7.20 9.00
C HIS B 142 11.21 -7.34 10.51
N LYS B 143 10.18 -6.71 11.12
CA LYS B 143 9.85 -6.91 12.52
C LYS B 143 9.09 -8.23 12.71
N PRO B 144 9.17 -8.83 13.91
CA PRO B 144 8.42 -10.06 14.17
C PRO B 144 6.95 -9.86 13.84
N VAL B 145 6.34 -10.89 13.27
CA VAL B 145 5.00 -10.73 12.69
C VAL B 145 3.95 -10.40 13.75
N LYS B 146 4.22 -10.70 15.02
CA LYS B 146 3.30 -10.29 16.08
C LYS B 146 3.19 -8.77 16.18
N ILE B 147 4.18 -8.02 15.68
CA ILE B 147 4.17 -6.57 15.79
C ILE B 147 3.40 -5.99 14.61
N GLY B 148 2.39 -5.19 14.90
CA GLY B 148 1.70 -4.51 13.82
C GLY B 148 0.41 -3.87 14.27
N ARG B 149 -0.01 -2.85 13.53
CA ARG B 149 -1.27 -2.17 13.78
C ARG B 149 -2.40 -2.92 13.08
N ASP B 150 -3.62 -2.64 13.52
CA ASP B 150 -4.80 -3.14 12.83
C ASP B 150 -4.72 -2.85 11.34
N GLY B 151 -4.89 -3.91 10.53
CA GLY B 151 -4.81 -3.78 9.09
C GLY B 151 -3.43 -3.93 8.47
N GLN B 152 -2.39 -4.16 9.27
CA GLN B 152 -1.04 -4.31 8.73
C GLN B 152 -0.99 -5.48 7.74
N GLU B 153 -0.55 -5.22 6.51
CA GLU B 153 -0.50 -6.30 5.55
C GLU B 153 0.75 -7.13 5.78
N ILE B 154 0.60 -8.45 5.68
CA ILE B 154 1.69 -9.39 5.89
C ILE B 154 2.09 -10.00 4.56
N GLU B 155 3.38 -9.96 4.24
CA GLU B 155 3.87 -10.52 2.99
C GLU B 155 3.53 -12.02 2.87
N LEU B 156 3.37 -12.46 1.61
CA LEU B 156 2.81 -13.77 1.28
C LEU B 156 3.47 -14.92 2.05
N GLU B 157 4.80 -15.04 1.95
CA GLU B 157 5.41 -16.22 2.57
C GLU B 157 5.35 -16.16 4.08
N CYS B 158 5.52 -14.96 4.66
CA CYS B 158 5.38 -14.83 6.10
C CYS B 158 3.97 -15.18 6.55
N GLY B 159 2.96 -14.66 5.84
CA GLY B 159 1.58 -14.94 6.23
C GLY B 159 1.24 -16.40 6.08
N THR B 160 1.77 -17.04 5.03
CA THR B 160 1.54 -18.47 4.83
C THR B 160 2.14 -19.27 5.98
N GLN B 161 3.40 -19.00 6.32
CA GLN B 161 4.02 -19.76 7.38
C GLN B 161 3.34 -19.52 8.71
N LEU B 162 2.90 -18.27 8.97
CA LEU B 162 2.13 -17.99 10.19
C LEU B 162 0.86 -18.82 10.25
N CYS B 163 0.09 -18.85 9.16
CA CYS B 163 -1.15 -19.62 9.16
C CYS B 163 -0.88 -21.10 9.39
N LEU B 164 0.21 -21.62 8.82
CA LEU B 164 0.54 -23.02 8.96
C LEU B 164 0.94 -23.40 10.38
N LEU B 165 1.29 -22.41 11.22
CA LEU B 165 1.66 -22.68 12.61
C LEU B 165 0.45 -23.04 13.47
N PHE B 166 -0.73 -22.56 13.10
CA PHE B 166 -1.89 -22.82 13.94
C PHE B 166 -2.19 -24.31 14.03
N PRO B 167 -2.72 -24.77 15.15
CA PRO B 167 -3.13 -26.18 15.26
C PRO B 167 -4.38 -26.46 14.45
N PRO B 168 -4.60 -27.71 14.07
CA PRO B 168 -5.83 -28.05 13.34
C PRO B 168 -7.06 -27.78 14.18
N ASP B 169 -8.12 -27.31 13.52
CA ASP B 169 -9.36 -26.98 14.20
C ASP B 169 -10.42 -27.99 13.77
N GLU B 170 -10.77 -28.88 14.69
CA GLU B 170 -11.76 -29.94 14.42
C GLU B 170 -13.17 -29.41 14.27
N SER B 171 -13.41 -28.14 14.61
CA SER B 171 -14.74 -27.55 14.41
C SER B 171 -14.93 -26.98 13.02
N ILE B 172 -13.87 -26.96 12.20
CA ILE B 172 -13.88 -26.30 10.90
C ILE B 172 -13.85 -27.34 9.80
N ASP B 173 -14.70 -27.15 8.78
CA ASP B 173 -14.69 -27.94 7.55
C ASP B 173 -14.29 -27.00 6.42
N LEU B 174 -13.12 -27.23 5.82
CA LEU B 174 -12.64 -26.38 4.72
C LEU B 174 -13.45 -26.53 3.44
N TYR B 175 -14.43 -27.43 3.41
CA TYR B 175 -15.10 -27.77 2.16
C TYR B 175 -15.82 -26.57 1.54
N GLN B 176 -16.50 -25.77 2.35
CA GLN B 176 -17.24 -24.63 1.82
C GLN B 176 -16.30 -23.60 1.19
N VAL B 177 -15.16 -23.33 1.85
CA VAL B 177 -14.22 -22.36 1.31
C VAL B 177 -13.67 -22.82 -0.03
N ILE B 178 -13.25 -24.09 -0.08
CA ILE B 178 -12.71 -24.62 -1.33
C ILE B 178 -13.77 -24.60 -2.43
N HIS B 179 -15.03 -24.82 -2.08
CA HIS B 179 -16.10 -24.75 -3.06
C HIS B 179 -16.43 -23.32 -3.48
N LYS B 180 -15.76 -22.31 -2.91
CA LYS B 180 -15.97 -20.92 -3.30
C LYS B 180 -14.84 -20.35 -4.17
N MET B 181 -13.68 -20.98 -4.17
CA MET B 181 -12.57 -20.46 -4.97
C MET B 181 -12.43 -21.22 -6.29
N12 OYN C . 5.86 19.09 -19.49
C02 OYN C . 6.00 20.36 -19.17
C04 OYN C . 8.20 20.13 -18.54
C06 OYN C . 10.13 19.21 -18.14
C08 OYN C . 8.10 18.82 -18.86
C09 OYN C . 6.88 18.27 -19.36
C11 OYN C . 5.50 16.32 -20.11
N03 OYN C . 7.10 20.91 -18.71
N05 OYN C . 9.46 20.37 -18.10
N07 OYN C . 9.32 18.26 -18.61
N10 OYN C . 6.78 16.87 -19.70
CL1 OYN C . 4.60 21.43 -19.37
S SO4 D . -0.90 -0.13 4.21
S SO4 D . -0.21 -1.09 5.12
O1 SO4 D . 0.47 0.38 4.20
O1 SO4 D . 0.63 -0.79 3.97
O2 SO4 D . -0.92 -1.55 3.86
O2 SO4 D . -0.45 -2.52 5.17
O3 SO4 D . -1.73 0.65 3.30
O3 SO4 D . -1.46 -0.32 5.04
O4 SO4 D . -1.44 0.01 5.56
O4 SO4 D . 0.52 -0.67 6.31
N12 OYN E . -13.69 -4.14 17.14
C02 OYN E . -12.86 -3.69 18.05
C04 OYN E . -11.41 -2.79 16.50
C06 OYN E . -10.57 -2.24 14.57
C08 OYN E . -12.24 -3.26 15.52
C09 OYN E . -13.44 -3.96 15.86
C11 OYN E . -15.54 -5.20 15.15
N03 OYN E . -11.74 -3.02 17.79
N05 OYN E . -10.38 -2.16 15.90
N07 OYN E . -11.70 -2.92 14.32
N10 OYN E . -14.33 -4.44 14.83
CL1 OYN E . -13.21 -3.94 19.77
S SO4 F . -7.94 -23.26 21.76
O1 SO4 F . -6.96 -24.12 21.11
O2 SO4 F . -9.28 -23.55 21.22
O3 SO4 F . -7.64 -21.86 21.51
O4 SO4 F . -7.90 -23.50 23.19
S SO4 G . -7.72 -33.92 4.61
O1 SO4 G . -8.44 -35.19 4.58
O2 SO4 G . -7.44 -33.45 3.25
O3 SO4 G . -6.48 -34.08 5.35
O4 SO4 G . -8.55 -32.89 5.26
S SO4 H . -4.10 1.22 15.40
O1 SO4 H . -4.19 -0.22 15.13
O2 SO4 H . -3.86 1.93 14.14
O3 SO4 H . -5.35 1.67 16.01
O4 SO4 H . -2.99 1.48 16.31
S SO4 I . -22.73 -1.62 -0.28
O1 SO4 I . -21.30 -1.38 -0.42
O2 SO4 I . -23.41 -1.15 -1.50
O3 SO4 I . -23.24 -0.91 0.88
O4 SO4 I . -23.01 -3.04 -0.13
#